data_3LY5
#
_entry.id   3LY5
#
_cell.length_a   41.340
_cell.length_b   41.340
_cell.length_c   230.541
_cell.angle_alpha   90.000
_cell.angle_beta   90.000
_cell.angle_gamma   120.000
#
_symmetry.space_group_name_H-M   'P 31'
#
loop_
_entity.id
_entity.type
_entity.pdbx_description
1 polymer 'ATP-dependent RNA helicase DDX18'
2 non-polymer 'PHOSPHATE ION'
3 non-polymer 'MAGNESIUM ION'
4 non-polymer 'THIOCYANATE ION'
5 water water
#
_entity_poly.entity_id   1
_entity_poly.type   'polypeptide(L)'
_entity_poly.pdbx_seq_one_letter_code
;MHHHHHHSSGVDLGTENLYFQSMNNVEKPDNDEDESEVPSLPLGLTGAFEDTSFASLCNLVNENTLKAIKEMGFTNMTEI
QHKSIRPLLEGRDLLAAAKTGSGKTLAFLIPAVELIVKLRFMPRNGTGVLILSPTRELAMQTFGVLKELMTHHVHTYGLI
MGGSNRSAEAQKLGNGINIIVATPGRLLDHMQNTPGFMYKNLQCLVIDEADRILDVGFEEELKQIIKLLPTRRQTMLFSA
TQTRKVEDLARISLKKEPLYVG
;
_entity_poly.pdbx_strand_id   A,B
#
loop_
_chem_comp.id
_chem_comp.type
_chem_comp.name
_chem_comp.formula
MG non-polymer 'MAGNESIUM ION' 'Mg 2'
PO4 non-polymer 'PHOSPHATE ION' 'O4 P -3'
SCN non-polymer 'THIOCYANATE ION' 'C N S -1'
#
# COMPACT_ATOMS: atom_id res chain seq x y z
N THR A 46 2.39 -31.35 -23.16
CA THR A 46 3.75 -30.76 -22.98
C THR A 46 3.67 -29.32 -22.41
N GLY A 47 3.63 -29.23 -21.08
CA GLY A 47 3.56 -27.96 -20.37
C GLY A 47 4.90 -27.27 -20.15
N ALA A 48 5.91 -27.60 -20.96
CA ALA A 48 7.23 -26.98 -20.86
C ALA A 48 7.24 -25.56 -21.42
N PHE A 49 8.29 -24.81 -21.11
CA PHE A 49 8.44 -23.43 -21.57
C PHE A 49 9.01 -23.34 -23.00
N GLU A 50 9.84 -24.31 -23.37
CA GLU A 50 10.55 -24.29 -24.65
C GLU A 50 9.67 -24.55 -25.88
N ASP A 51 8.51 -25.18 -25.66
CA ASP A 51 7.54 -25.40 -26.75
C ASP A 51 6.72 -24.15 -27.08
N THR A 52 7.01 -23.05 -26.38
CA THR A 52 6.40 -21.76 -26.66
C THR A 52 7.20 -20.97 -27.69
N SER A 53 8.18 -21.63 -28.32
CA SER A 53 8.89 -21.07 -29.48
C SER A 53 8.15 -21.43 -30.77
N PHE A 54 7.92 -20.44 -31.63
CA PHE A 54 7.08 -20.60 -32.82
C PHE A 54 7.76 -21.36 -33.96
N LEU A 60 5.90 -19.39 -30.27
CA LEU A 60 4.93 -18.29 -30.28
C LEU A 60 5.47 -17.05 -29.56
N VAL A 61 6.46 -17.26 -28.69
CA VAL A 61 7.07 -16.14 -27.96
C VAL A 61 8.55 -15.98 -28.31
N ASN A 62 8.99 -14.71 -28.36
CA ASN A 62 10.37 -14.37 -28.72
C ASN A 62 11.40 -15.19 -27.93
N GLU A 63 12.46 -15.59 -28.62
CA GLU A 63 13.51 -16.39 -28.00
C GLU A 63 14.18 -15.69 -26.80
N ASN A 64 14.36 -14.38 -26.91
CA ASN A 64 14.96 -13.59 -25.82
C ASN A 64 14.15 -13.60 -24.54
N THR A 65 12.86 -13.90 -24.66
CA THR A 65 11.95 -14.00 -23.52
C THR A 65 12.14 -15.35 -22.82
N LEU A 66 12.22 -16.41 -23.62
CA LEU A 66 12.42 -17.76 -23.12
C LEU A 66 13.80 -17.93 -22.52
N LYS A 67 14.79 -17.29 -23.14
CA LYS A 67 16.17 -17.33 -22.68
C LYS A 67 16.30 -16.72 -21.29
N ALA A 68 15.59 -15.62 -21.06
CA ALA A 68 15.53 -14.98 -19.74
C ALA A 68 14.85 -15.88 -18.72
N ILE A 69 13.68 -16.41 -19.11
CA ILE A 69 12.88 -17.29 -18.25
C ILE A 69 13.62 -18.57 -17.88
N LYS A 70 14.47 -19.04 -18.80
CA LYS A 70 15.32 -20.21 -18.57
C LYS A 70 16.43 -19.87 -17.57
N GLU A 71 16.89 -18.63 -17.60
CA GLU A 71 17.89 -18.11 -16.66
C GLU A 71 17.27 -17.72 -15.31
N MET A 72 15.95 -17.67 -15.23
CA MET A 72 15.23 -17.47 -13.98
C MET A 72 15.18 -18.77 -13.17
N GLY A 73 15.38 -19.90 -13.84
CA GLY A 73 15.39 -21.20 -13.20
C GLY A 73 14.12 -22.02 -13.41
N PHE A 74 13.22 -21.52 -14.25
CA PHE A 74 11.97 -22.21 -14.54
C PHE A 74 12.10 -23.13 -15.75
N THR A 75 11.42 -24.28 -15.67
CA THR A 75 11.45 -25.27 -16.74
C THR A 75 10.04 -25.59 -17.27
N ASN A 76 9.08 -25.73 -16.36
CA ASN A 76 7.72 -26.15 -16.72
C ASN A 76 6.66 -25.15 -16.28
N MET A 77 5.62 -25.02 -17.09
CA MET A 77 4.53 -24.08 -16.83
C MET A 77 3.56 -24.62 -15.81
N THR A 78 3.09 -23.74 -14.93
CA THR A 78 2.02 -24.07 -14.00
C THR A 78 0.70 -24.23 -14.76
N GLU A 79 -0.36 -24.64 -14.06
CA GLU A 79 -1.67 -24.83 -14.67
C GLU A 79 -2.20 -23.60 -15.39
N ILE A 80 -2.31 -22.49 -14.67
CA ILE A 80 -2.85 -21.25 -15.24
C ILE A 80 -1.97 -20.72 -16.38
N GLN A 81 -0.67 -20.91 -16.27
CA GLN A 81 0.24 -20.54 -17.36
C GLN A 81 -0.12 -21.32 -18.63
N HIS A 82 -0.15 -22.64 -18.52
CA HIS A 82 -0.56 -23.51 -19.63
C HIS A 82 -1.96 -23.16 -20.17
N LYS A 83 -2.89 -22.92 -19.26
CA LYS A 83 -4.26 -22.58 -19.63
C LYS A 83 -4.35 -21.21 -20.30
N SER A 84 -3.49 -20.28 -19.87
CA SER A 84 -3.65 -18.87 -20.17
C SER A 84 -2.80 -18.35 -21.33
N ILE A 85 -1.54 -18.77 -21.40
CA ILE A 85 -0.57 -18.14 -22.30
C ILE A 85 -0.91 -18.28 -23.79
N ARG A 86 -0.99 -19.52 -24.28
CA ARG A 86 -1.37 -19.81 -25.66
C ARG A 86 -2.53 -18.92 -26.13
N PRO A 87 -3.69 -19.00 -25.44
CA PRO A 87 -4.85 -18.18 -25.81
C PRO A 87 -4.59 -16.66 -25.74
N LEU A 88 -3.81 -16.22 -24.75
CA LEU A 88 -3.53 -14.79 -24.56
C LEU A 88 -2.63 -14.23 -25.65
N LEU A 89 -1.76 -15.08 -26.19
CA LEU A 89 -0.89 -14.73 -27.32
C LEU A 89 -1.72 -14.46 -28.57
N GLU A 90 -2.77 -15.25 -28.75
CA GLU A 90 -3.70 -15.09 -29.87
C GLU A 90 -4.44 -13.75 -29.79
N GLY A 91 -4.69 -13.28 -28.56
CA GLY A 91 -5.21 -11.93 -28.33
C GLY A 91 -6.54 -11.85 -27.61
N ARG A 92 -6.87 -12.87 -26.84
CA ARG A 92 -8.15 -12.92 -26.11
C ARG A 92 -8.10 -12.22 -24.76
N ASP A 93 -9.25 -11.74 -24.29
CA ASP A 93 -9.37 -11.06 -23.00
C ASP A 93 -9.67 -12.05 -21.89
N LEU A 94 -8.74 -12.23 -20.94
CA LEU A 94 -8.90 -13.26 -19.92
C LEU A 94 -9.52 -12.78 -18.60
N LEU A 95 -10.46 -13.59 -18.09
CA LEU A 95 -10.96 -13.46 -16.73
C LEU A 95 -10.48 -14.68 -15.95
N ALA A 96 -9.50 -14.47 -15.08
CA ALA A 96 -8.88 -15.56 -14.32
C ALA A 96 -9.24 -15.52 -12.83
N ALA A 97 -9.68 -16.66 -12.31
CA ALA A 97 -9.90 -16.83 -10.88
C ALA A 97 -8.63 -17.40 -10.28
N ALA A 98 -7.63 -16.53 -10.12
CA ALA A 98 -6.30 -16.98 -9.73
C ALA A 98 -5.88 -16.45 -8.37
N LYS A 99 -5.09 -17.26 -7.67
CA LYS A 99 -4.53 -16.89 -6.37
C LYS A 99 -3.01 -16.73 -6.47
N THR A 100 -2.42 -16.08 -5.48
CA THR A 100 -0.97 -15.87 -5.44
C THR A 100 -0.24 -17.19 -5.19
N GLY A 101 0.60 -17.59 -6.14
CA GLY A 101 1.32 -18.87 -6.07
C GLY A 101 1.02 -19.72 -7.29
N SER A 102 0.07 -19.26 -8.10
CA SER A 102 -0.35 -19.96 -9.30
C SER A 102 0.63 -19.77 -10.47
N GLY A 103 1.51 -18.77 -10.35
CA GLY A 103 2.41 -18.41 -11.45
C GLY A 103 1.72 -17.49 -12.44
N LYS A 104 0.69 -16.79 -11.96
CA LYS A 104 -0.13 -15.91 -12.80
C LYS A 104 0.63 -14.71 -13.35
N THR A 105 1.68 -14.30 -12.65
CA THR A 105 2.48 -13.14 -13.05
C THR A 105 3.06 -13.38 -14.43
N LEU A 106 3.74 -14.51 -14.60
CA LEU A 106 4.29 -14.90 -15.90
C LEU A 106 3.20 -15.11 -16.94
N ALA A 107 2.06 -15.63 -16.49
CA ALA A 107 0.91 -15.83 -17.36
C ALA A 107 0.54 -14.55 -18.13
N PHE A 108 0.48 -13.42 -17.42
CA PHE A 108 0.17 -12.14 -18.07
C PHE A 108 1.37 -11.40 -18.66
N LEU A 109 2.57 -11.68 -18.14
CA LEU A 109 3.78 -10.94 -18.55
C LEU A 109 4.32 -11.41 -19.89
N ILE A 110 4.30 -12.72 -20.12
CA ILE A 110 4.80 -13.31 -21.36
C ILE A 110 4.09 -12.72 -22.60
N PRO A 111 2.73 -12.71 -22.62
CA PRO A 111 2.04 -12.13 -23.76
C PRO A 111 2.09 -10.60 -23.79
N ALA A 112 2.33 -9.98 -22.63
CA ALA A 112 2.47 -8.53 -22.53
C ALA A 112 3.77 -8.07 -23.19
N VAL A 113 4.86 -8.72 -22.81
CA VAL A 113 6.18 -8.45 -23.40
C VAL A 113 6.18 -8.84 -24.88
N GLU A 114 5.39 -9.85 -25.23
CA GLU A 114 5.30 -10.32 -26.61
C GLU A 114 4.73 -9.27 -27.55
N LEU A 115 3.66 -8.59 -27.13
CA LEU A 115 3.02 -7.54 -27.92
C LEU A 115 3.95 -6.36 -28.14
N ILE A 116 4.73 -6.03 -27.11
CA ILE A 116 5.69 -4.92 -27.15
C ILE A 116 6.84 -5.22 -28.10
N VAL A 117 7.32 -6.47 -28.08
CA VAL A 117 8.40 -6.92 -28.95
C VAL A 117 7.89 -7.08 -30.39
N LYS A 118 6.74 -7.72 -30.54
CA LYS A 118 6.11 -7.95 -31.84
C LYS A 118 5.85 -6.64 -32.58
N LEU A 119 5.19 -5.70 -31.90
CA LEU A 119 4.89 -4.39 -32.49
C LEU A 119 6.10 -3.45 -32.43
N ARG A 120 7.25 -3.98 -32.03
CA ARG A 120 8.53 -3.26 -31.98
C ARG A 120 8.46 -1.84 -31.40
N PHE A 121 7.84 -1.73 -30.22
CA PHE A 121 7.66 -0.44 -29.53
C PHE A 121 8.97 0.31 -29.31
N MET A 122 8.87 1.64 -29.23
CA MET A 122 10.01 2.50 -28.91
C MET A 122 9.60 3.51 -27.84
N PRO A 123 10.59 4.13 -27.15
CA PRO A 123 10.28 5.23 -26.23
C PRO A 123 9.40 6.28 -26.91
N ARG A 124 9.59 6.42 -28.22
CA ARG A 124 8.77 7.29 -29.07
C ARG A 124 7.27 6.96 -28.98
N ASN A 125 6.94 5.67 -28.96
CA ASN A 125 5.55 5.20 -29.11
C ASN A 125 4.61 5.40 -27.91
N GLY A 126 5.10 6.03 -26.85
CA GLY A 126 4.32 6.15 -25.61
C GLY A 126 4.27 4.82 -24.87
N THR A 127 3.13 4.52 -24.25
CA THR A 127 2.99 3.29 -23.47
C THR A 127 2.20 2.21 -24.21
N GLY A 128 2.60 0.96 -24.00
CA GLY A 128 1.99 -0.19 -24.65
C GLY A 128 1.20 -1.10 -23.72
N VAL A 129 1.83 -1.52 -22.63
CA VAL A 129 1.16 -2.36 -21.62
C VAL A 129 1.00 -1.59 -20.31
N LEU A 130 -0.11 -1.86 -19.62
CA LEU A 130 -0.41 -1.23 -18.34
C LEU A 130 -0.88 -2.25 -17.29
N ILE A 131 -0.03 -2.48 -16.29
CA ILE A 131 -0.33 -3.44 -15.23
C ILE A 131 -0.70 -2.74 -13.91
N LEU A 132 -1.90 -3.05 -13.41
CA LEU A 132 -2.43 -2.45 -12.19
C LEU A 132 -2.30 -3.37 -10.97
N SER A 133 -1.72 -2.84 -9.91
CA SER A 133 -1.50 -3.61 -8.68
C SER A 133 -2.05 -2.86 -7.46
N PRO A 134 -2.72 -3.60 -6.55
CA PRO A 134 -3.34 -2.98 -5.37
C PRO A 134 -2.32 -2.31 -4.45
N THR A 135 -1.27 -3.06 -4.09
CA THR A 135 -0.30 -2.62 -3.09
C THR A 135 1.06 -2.32 -3.70
N ARG A 136 1.94 -1.75 -2.89
CA ARG A 136 3.33 -1.51 -3.28
C ARG A 136 4.11 -2.81 -3.28
N GLU A 137 3.76 -3.70 -2.34
CA GLU A 137 4.41 -4.99 -2.18
C GLU A 137 4.28 -5.82 -3.46
N LEU A 138 3.06 -5.88 -4.01
CA LEU A 138 2.80 -6.62 -5.23
C LEU A 138 3.28 -5.90 -6.50
N ALA A 139 3.07 -4.58 -6.56
CA ALA A 139 3.61 -3.78 -7.64
C ALA A 139 5.12 -4.00 -7.79
N MET A 140 5.86 -3.88 -6.68
CA MET A 140 7.30 -4.15 -6.67
C MET A 140 7.63 -5.60 -7.03
N GLN A 141 6.87 -6.53 -6.44
CA GLN A 141 6.99 -7.97 -6.72
C GLN A 141 6.96 -8.24 -8.22
N THR A 142 5.85 -7.83 -8.85
CA THR A 142 5.64 -8.00 -10.29
C THR A 142 6.76 -7.32 -11.11
N PHE A 143 7.19 -6.14 -10.64
CA PHE A 143 8.25 -5.39 -11.32
C PHE A 143 9.60 -6.11 -11.35
N GLY A 144 9.99 -6.70 -10.23
CA GLY A 144 11.20 -7.51 -10.15
C GLY A 144 11.21 -8.65 -11.16
N VAL A 145 10.04 -9.25 -11.39
CA VAL A 145 9.89 -10.30 -12.39
C VAL A 145 10.07 -9.72 -13.80
N LEU A 146 9.39 -8.61 -14.06
CA LEU A 146 9.50 -7.87 -15.31
C LEU A 146 10.96 -7.50 -15.60
N LYS A 147 11.68 -7.03 -14.58
CA LYS A 147 13.10 -6.69 -14.70
C LYS A 147 13.93 -7.88 -15.19
N GLU A 148 13.69 -9.04 -14.58
CA GLU A 148 14.34 -10.29 -14.97
C GLU A 148 14.00 -10.70 -16.41
N LEU A 149 12.73 -10.55 -16.78
CA LEU A 149 12.25 -10.96 -18.10
C LEU A 149 12.71 -10.03 -19.24
N MET A 150 13.09 -8.81 -18.89
CA MET A 150 13.48 -7.80 -19.88
C MET A 150 15.00 -7.64 -20.05
N THR A 151 15.78 -8.60 -19.53
CA THR A 151 17.24 -8.50 -19.54
C THR A 151 17.87 -8.53 -20.93
N HIS A 152 17.17 -9.15 -21.87
CA HIS A 152 17.64 -9.24 -23.25
C HIS A 152 16.77 -8.42 -24.21
N HIS A 153 16.12 -7.40 -23.68
CA HIS A 153 15.29 -6.51 -24.46
C HIS A 153 15.74 -5.06 -24.33
N VAL A 154 15.41 -4.23 -25.32
CA VAL A 154 15.78 -2.83 -25.32
C VAL A 154 14.64 -1.90 -24.93
N HIS A 155 13.43 -2.45 -24.81
CA HIS A 155 12.22 -1.67 -24.53
C HIS A 155 12.19 -1.14 -23.10
N THR A 156 11.51 -0.01 -22.90
CA THR A 156 11.55 0.73 -21.65
C THR A 156 10.44 0.32 -20.69
N TYR A 157 10.82 0.04 -19.45
CA TYR A 157 9.88 -0.40 -18.42
C TYR A 157 10.15 0.31 -17.08
N GLY A 158 9.09 0.58 -16.33
CA GLY A 158 9.20 1.36 -15.11
C GLY A 158 8.08 1.14 -14.13
N LEU A 159 8.37 1.42 -12.87
CA LEU A 159 7.43 1.25 -11.76
C LEU A 159 6.84 2.60 -11.35
N ILE A 160 5.71 2.95 -11.97
CA ILE A 160 5.05 4.24 -11.70
C ILE A 160 3.93 4.06 -10.67
N MET A 161 4.33 3.66 -9.47
CA MET A 161 3.40 3.26 -8.43
C MET A 161 3.77 3.79 -7.04
N GLY A 162 2.80 3.83 -6.14
CA GLY A 162 3.03 4.20 -4.75
C GLY A 162 3.24 5.68 -4.50
N GLY A 163 3.16 6.08 -3.24
CA GLY A 163 3.44 7.45 -2.82
C GLY A 163 4.92 7.65 -2.63
N SER A 164 5.62 7.97 -3.72
CA SER A 164 7.06 8.07 -3.72
C SER A 164 7.58 9.00 -4.81
N ASN A 165 7.94 10.23 -4.42
CA ASN A 165 8.59 11.21 -5.29
C ASN A 165 7.91 11.42 -6.66
N ARG A 166 6.74 12.09 -6.63
CA ARG A 166 5.88 12.23 -7.81
C ARG A 166 6.53 12.87 -9.04
N SER A 167 7.38 13.87 -8.82
CA SER A 167 8.01 14.61 -9.91
C SER A 167 9.05 13.79 -10.69
N ALA A 168 9.76 12.92 -9.99
CA ALA A 168 10.77 12.05 -10.60
C ALA A 168 10.12 11.01 -11.52
N GLU A 169 8.91 10.59 -11.18
CA GLU A 169 8.14 9.66 -12.00
C GLU A 169 7.63 10.36 -13.27
N ALA A 170 7.17 11.60 -13.09
CA ALA A 170 6.66 12.42 -14.20
C ALA A 170 7.73 12.65 -15.26
N GLN A 171 8.94 13.02 -14.83
CA GLN A 171 10.07 13.21 -15.73
C GLN A 171 10.45 11.89 -16.41
N LYS A 172 10.28 10.78 -15.69
CA LYS A 172 10.57 9.45 -16.23
C LYS A 172 9.58 9.03 -17.31
N LEU A 173 8.28 9.25 -17.04
CA LEU A 173 7.21 8.90 -17.98
C LEU A 173 7.28 9.73 -19.27
N GLY A 174 7.71 10.98 -19.13
CA GLY A 174 7.90 11.88 -20.28
C GLY A 174 8.81 11.30 -21.36
N ASN A 175 9.80 10.51 -20.94
CA ASN A 175 10.71 9.85 -21.87
C ASN A 175 9.99 8.86 -22.80
N GLY A 176 9.03 8.13 -22.23
CA GLY A 176 8.31 7.08 -22.95
C GLY A 176 8.60 5.73 -22.34
N ILE A 177 7.67 5.23 -21.53
CA ILE A 177 7.85 3.95 -20.85
C ILE A 177 6.83 2.93 -21.37
N ASN A 178 7.32 1.94 -22.10
CA ASN A 178 6.48 0.99 -22.84
C ASN A 178 5.61 0.12 -21.94
N ILE A 179 6.24 -0.61 -21.02
CA ILE A 179 5.50 -1.43 -20.05
C ILE A 179 5.58 -0.79 -18.67
N ILE A 180 4.42 -0.58 -18.05
CA ILE A 180 4.32 0.10 -16.77
C ILE A 180 3.62 -0.78 -15.74
N VAL A 181 4.32 -1.05 -14.64
CA VAL A 181 3.70 -1.67 -13.47
C VAL A 181 3.33 -0.56 -12.50
N ALA A 182 2.03 -0.38 -12.28
CA ALA A 182 1.53 0.75 -11.52
C ALA A 182 0.44 0.38 -10.52
N THR A 183 0.17 1.33 -9.63
CA THR A 183 -0.88 1.21 -8.64
C THR A 183 -1.93 2.26 -9.01
N PRO A 184 -3.23 1.91 -8.91
CA PRO A 184 -4.31 2.70 -9.52
C PRO A 184 -4.35 4.20 -9.18
N GLY A 185 -4.50 4.52 -7.90
CA GLY A 185 -4.72 5.91 -7.45
C GLY A 185 -3.67 6.92 -7.89
N ARG A 186 -2.41 6.48 -7.93
CA ARG A 186 -1.31 7.32 -8.36
C ARG A 186 -1.22 7.43 -9.87
N LEU A 187 -1.58 6.34 -10.56
CA LEU A 187 -1.55 6.30 -12.03
C LEU A 187 -2.58 7.26 -12.62
N LEU A 188 -3.79 7.23 -12.08
CA LEU A 188 -4.85 8.16 -12.46
C LEU A 188 -4.38 9.61 -12.27
N ASP A 189 -3.60 9.85 -11.21
CA ASP A 189 -3.04 11.16 -10.93
C ASP A 189 -2.10 11.60 -12.05
N HIS A 190 -1.30 10.66 -12.57
CA HIS A 190 -0.44 10.94 -13.71
C HIS A 190 -1.27 11.16 -14.99
N MET A 191 -2.29 10.32 -15.17
CA MET A 191 -3.13 10.37 -16.37
C MET A 191 -3.95 11.66 -16.48
N GLN A 192 -4.25 12.27 -15.34
CA GLN A 192 -5.02 13.50 -15.30
C GLN A 192 -4.12 14.75 -15.19
N ASN A 193 -2.93 14.59 -14.62
CA ASN A 193 -2.08 15.74 -14.29
C ASN A 193 -0.71 15.80 -14.97
N THR A 194 -0.11 14.64 -15.23
CA THR A 194 1.17 14.57 -15.96
C THR A 194 0.89 14.58 -17.46
N PRO A 195 1.23 15.70 -18.14
CA PRO A 195 0.80 15.96 -19.52
C PRO A 195 1.56 15.15 -20.57
N GLY A 196 2.85 14.94 -20.34
CA GLY A 196 3.72 14.22 -21.29
C GLY A 196 3.62 12.71 -21.20
N PHE A 197 2.62 12.23 -20.46
CA PHE A 197 2.34 10.80 -20.34
C PHE A 197 1.46 10.34 -21.49
N MET A 198 2.01 9.51 -22.36
CA MET A 198 1.31 8.99 -23.53
C MET A 198 0.84 7.55 -23.31
N TYR A 199 -0.47 7.34 -23.42
CA TYR A 199 -1.08 6.02 -23.25
C TYR A 199 -1.93 5.65 -24.47
N LYS A 200 -2.08 6.58 -25.41
CA LYS A 200 -2.93 6.44 -26.60
C LYS A 200 -2.66 5.16 -27.41
N ASN A 201 -1.46 4.62 -27.31
CA ASN A 201 -1.06 3.44 -28.07
C ASN A 201 -1.28 2.11 -27.34
N LEU A 202 -1.83 2.19 -26.12
CA LEU A 202 -2.01 1.03 -25.25
C LEU A 202 -2.59 -0.19 -25.96
N GLN A 203 -1.97 -1.34 -25.72
CA GLN A 203 -2.37 -2.60 -26.33
C GLN A 203 -2.95 -3.56 -25.30
N CYS A 204 -2.31 -3.60 -24.13
CA CYS A 204 -2.66 -4.56 -23.08
C CYS A 204 -2.91 -3.89 -21.73
N LEU A 205 -4.01 -4.28 -21.08
CA LEU A 205 -4.31 -3.83 -19.71
C LEU A 205 -4.51 -5.03 -18.79
N VAL A 206 -3.70 -5.09 -17.73
CA VAL A 206 -3.76 -6.18 -16.75
C VAL A 206 -4.18 -5.66 -15.38
N ILE A 207 -5.17 -6.32 -14.80
CA ILE A 207 -5.67 -5.98 -13.47
C ILE A 207 -5.39 -7.14 -12.49
N ASP A 208 -4.27 -7.05 -11.78
CA ASP A 208 -3.86 -8.06 -10.80
C ASP A 208 -4.60 -7.89 -9.46
N GLU A 209 -4.92 -9.01 -8.82
CA GLU A 209 -5.68 -9.04 -7.55
C GLU A 209 -6.83 -8.03 -7.55
N ALA A 210 -7.82 -8.26 -8.41
CA ALA A 210 -8.91 -7.30 -8.62
C ALA A 210 -9.69 -7.04 -7.33
N ASP A 211 -9.98 -8.11 -6.60
CA ASP A 211 -10.74 -8.02 -5.36
C ASP A 211 -9.98 -7.23 -4.30
N ARG A 212 -8.66 -7.41 -4.28
CA ARG A 212 -7.79 -6.69 -3.37
C ARG A 212 -7.67 -5.20 -3.72
N ILE A 213 -7.81 -4.85 -4.99
CA ILE A 213 -7.83 -3.45 -5.43
C ILE A 213 -9.06 -2.70 -4.90
N LEU A 214 -10.21 -3.36 -4.90
CA LEU A 214 -11.46 -2.76 -4.41
C LEU A 214 -11.46 -2.61 -2.89
N ASP A 215 -10.86 -3.59 -2.21
CA ASP A 215 -10.79 -3.60 -0.73
C ASP A 215 -9.96 -2.46 -0.14
N VAL A 216 -8.97 -1.99 -0.90
CA VAL A 216 -8.16 -0.84 -0.48
C VAL A 216 -8.82 0.49 -0.86
N GLY A 217 -9.98 0.42 -1.51
CA GLY A 217 -10.78 1.59 -1.85
C GLY A 217 -10.41 2.26 -3.17
N PHE A 218 -10.32 1.46 -4.23
CA PHE A 218 -9.98 1.97 -5.54
C PHE A 218 -11.04 1.69 -6.62
N GLU A 219 -12.27 1.49 -6.19
CA GLU A 219 -13.39 1.19 -7.09
C GLU A 219 -13.65 2.32 -8.09
N GLU A 220 -13.58 3.56 -7.61
CA GLU A 220 -13.76 4.73 -8.46
C GLU A 220 -12.52 5.04 -9.30
N GLU A 221 -11.34 4.83 -8.70
CA GLU A 221 -10.08 5.04 -9.40
C GLU A 221 -9.96 4.09 -10.60
N LEU A 222 -10.48 2.88 -10.47
CA LEU A 222 -10.54 1.94 -11.59
C LEU A 222 -11.47 2.45 -12.69
N LYS A 223 -12.75 2.64 -12.37
CA LYS A 223 -13.74 3.10 -13.33
C LYS A 223 -13.27 4.27 -14.18
N GLN A 224 -12.39 5.09 -13.61
CA GLN A 224 -11.94 6.32 -14.24
C GLN A 224 -10.70 6.17 -15.11
N ILE A 225 -9.85 5.20 -14.80
CA ILE A 225 -8.71 4.90 -15.67
C ILE A 225 -9.20 4.15 -16.92
N ILE A 226 -10.04 3.15 -16.71
CA ILE A 226 -10.60 2.33 -17.79
C ILE A 226 -11.34 3.19 -18.81
N LYS A 227 -12.17 4.10 -18.30
CA LYS A 227 -12.88 5.07 -19.13
C LYS A 227 -11.92 5.86 -20.03
N LEU A 228 -10.81 6.31 -19.44
CA LEU A 228 -9.86 7.15 -20.15
C LEU A 228 -8.89 6.37 -21.03
N LEU A 229 -8.98 5.04 -21.02
CA LEU A 229 -8.13 4.19 -21.84
C LEU A 229 -8.74 3.89 -23.22
N PRO A 230 -7.89 3.80 -24.27
CA PRO A 230 -8.31 3.40 -25.62
C PRO A 230 -8.96 2.02 -25.61
N THR A 231 -10.17 1.94 -26.16
CA THR A 231 -10.98 0.71 -26.10
C THR A 231 -10.47 -0.45 -26.96
N ARG A 232 -9.72 -0.14 -28.01
CA ARG A 232 -9.11 -1.19 -28.83
C ARG A 232 -7.89 -1.73 -28.09
N ARG A 233 -8.10 -2.79 -27.32
CA ARG A 233 -7.04 -3.35 -26.46
C ARG A 233 -7.37 -4.75 -25.93
N GLN A 234 -6.31 -5.48 -25.56
CA GLN A 234 -6.42 -6.73 -24.83
C GLN A 234 -6.45 -6.43 -23.34
N THR A 235 -7.41 -7.02 -22.63
CA THR A 235 -7.59 -6.76 -21.21
C THR A 235 -7.60 -8.06 -20.41
N MET A 236 -6.85 -8.08 -19.31
CA MET A 236 -6.72 -9.27 -18.46
C MET A 236 -7.11 -8.98 -17.02
N LEU A 237 -7.99 -9.81 -16.46
CA LEU A 237 -8.48 -9.62 -15.10
C LEU A 237 -8.21 -10.82 -14.19
N PHE A 238 -7.37 -10.61 -13.18
CA PHE A 238 -7.02 -11.66 -12.22
C PHE A 238 -7.55 -11.33 -10.82
N SER A 239 -8.38 -12.23 -10.29
CA SER A 239 -8.98 -12.07 -8.96
C SER A 239 -9.14 -13.43 -8.31
N ALA A 240 -8.68 -13.54 -7.06
CA ALA A 240 -8.83 -14.78 -6.29
C ALA A 240 -10.29 -15.03 -5.90
N THR A 241 -10.98 -13.96 -5.51
CA THR A 241 -12.37 -14.07 -5.03
C THR A 241 -13.37 -13.45 -6.01
N GLN A 242 -14.30 -14.27 -6.47
CA GLN A 242 -15.35 -13.82 -7.38
C GLN A 242 -16.44 -13.05 -6.61
N THR A 243 -16.38 -11.73 -6.68
CA THR A 243 -17.29 -10.85 -5.92
C THR A 243 -18.29 -10.16 -6.85
N ARG A 244 -19.40 -9.69 -6.27
CA ARG A 244 -20.41 -8.94 -7.02
C ARG A 244 -19.79 -7.74 -7.74
N LYS A 245 -18.96 -6.99 -7.03
CA LYS A 245 -18.28 -5.81 -7.59
C LYS A 245 -17.30 -6.21 -8.68
N VAL A 246 -16.59 -7.32 -8.46
CA VAL A 246 -15.58 -7.81 -9.41
C VAL A 246 -16.21 -8.12 -10.77
N GLU A 247 -17.36 -8.78 -10.75
CA GLU A 247 -18.09 -9.12 -11.98
C GLU A 247 -18.55 -7.87 -12.73
N ASP A 248 -18.73 -6.77 -11.98
CA ASP A 248 -19.22 -5.52 -12.56
C ASP A 248 -18.16 -4.75 -13.32
N LEU A 249 -16.95 -4.66 -12.76
CA LEU A 249 -15.85 -3.98 -13.45
C LEU A 249 -15.27 -4.86 -14.57
N ALA A 250 -15.57 -6.16 -14.50
CA ALA A 250 -15.24 -7.10 -15.57
C ALA A 250 -16.05 -6.75 -16.81
N ARG A 251 -17.31 -6.37 -16.62
CA ARG A 251 -18.16 -5.88 -17.72
C ARG A 251 -17.56 -4.62 -18.33
N ILE A 252 -17.09 -3.71 -17.48
CA ILE A 252 -16.45 -2.46 -17.90
C ILE A 252 -15.14 -2.71 -18.65
N SER A 253 -14.35 -3.66 -18.19
CA SER A 253 -12.99 -3.87 -18.70
C SER A 253 -12.90 -4.82 -19.89
N LEU A 254 -13.69 -5.89 -19.86
CA LEU A 254 -13.60 -6.96 -20.83
C LEU A 254 -14.72 -6.90 -21.87
N LYS A 255 -14.54 -7.62 -22.97
CA LYS A 255 -15.54 -7.67 -24.05
C LYS A 255 -16.30 -9.01 -24.12
N LYS A 256 -15.60 -10.10 -24.45
CA LYS A 256 -16.15 -11.46 -24.43
C LYS A 256 -15.07 -12.48 -24.06
N GLU A 257 -14.84 -12.62 -22.76
CA GLU A 257 -13.66 -13.29 -22.20
C GLU A 257 -13.66 -14.82 -22.24
N PRO A 258 -12.46 -15.42 -22.40
CA PRO A 258 -12.31 -16.83 -22.03
C PRO A 258 -12.06 -16.96 -20.54
N LEU A 259 -13.04 -17.51 -19.82
CA LEU A 259 -12.92 -17.68 -18.38
C LEU A 259 -11.97 -18.82 -18.06
N TYR A 260 -11.16 -18.62 -17.02
CA TYR A 260 -10.25 -19.64 -16.50
C TYR A 260 -10.31 -19.61 -14.97
N VAL A 261 -10.39 -20.79 -14.35
CA VAL A 261 -10.54 -20.90 -12.89
C VAL A 261 -9.33 -21.59 -12.25
N GLY B 44 -4.52 -14.80 38.12
CA GLY B 44 -4.17 -14.39 39.51
C GLY B 44 -4.13 -12.89 39.69
N LEU B 45 -4.47 -12.16 38.62
CA LEU B 45 -4.40 -10.70 38.58
C LEU B 45 -5.47 -10.19 37.62
N THR B 46 -5.80 -8.89 37.69
CA THR B 46 -6.89 -8.33 36.88
C THR B 46 -6.41 -7.71 35.56
N GLY B 47 -6.68 -8.41 34.46
CA GLY B 47 -6.38 -7.93 33.11
C GLY B 47 -7.61 -7.36 32.42
N ALA B 48 -8.63 -7.02 33.20
CA ALA B 48 -9.88 -6.45 32.67
C ALA B 48 -9.65 -5.07 32.06
N PHE B 49 -10.66 -4.52 31.40
CA PHE B 49 -10.58 -3.16 30.90
C PHE B 49 -11.04 -2.16 31.97
N GLU B 50 -11.94 -2.62 32.85
CA GLU B 50 -12.54 -1.79 33.89
C GLU B 50 -11.52 -1.24 34.89
N ASP B 51 -10.45 -1.99 35.13
CA ASP B 51 -9.44 -1.64 36.13
C ASP B 51 -8.58 -0.43 35.76
N THR B 52 -8.64 0.01 34.50
CA THR B 52 -7.84 1.14 34.04
C THR B 52 -8.52 2.50 34.22
N SER B 53 -9.53 2.56 35.07
CA SER B 53 -10.12 3.84 35.48
C SER B 53 -9.30 4.44 36.63
N PHE B 54 -8.67 5.58 36.37
CA PHE B 54 -7.81 6.24 37.35
C PHE B 54 -8.57 6.73 38.59
N LEU B 60 -5.90 4.53 34.56
CA LEU B 60 -5.50 5.91 34.30
C LEU B 60 -5.98 6.46 32.96
N VAL B 61 -7.17 6.01 32.52
CA VAL B 61 -7.72 6.42 31.22
C VAL B 61 -9.13 7.00 31.33
N ASN B 62 -9.42 7.97 30.47
CA ASN B 62 -10.70 8.66 30.42
C ASN B 62 -11.90 7.69 30.32
N GLU B 63 -12.99 8.04 30.99
CA GLU B 63 -14.21 7.23 30.96
C GLU B 63 -14.80 7.10 29.56
N ASN B 64 -14.66 8.16 28.75
CA ASN B 64 -15.16 8.16 27.38
C ASN B 64 -14.40 7.19 26.47
N THR B 65 -13.18 6.84 26.86
CA THR B 65 -12.38 5.84 26.16
C THR B 65 -12.84 4.43 26.53
N LEU B 66 -12.96 4.16 27.83
CA LEU B 66 -13.39 2.84 28.31
C LEU B 66 -14.83 2.50 27.91
N LYS B 67 -15.68 3.53 27.83
CA LYS B 67 -17.06 3.37 27.35
C LYS B 67 -17.06 2.94 25.88
N ALA B 68 -16.19 3.56 25.08
CA ALA B 68 -16.00 3.17 23.68
C ALA B 68 -15.57 1.71 23.56
N ILE B 69 -14.55 1.34 24.33
CA ILE B 69 -13.98 -0.02 24.33
C ILE B 69 -15.02 -1.07 24.71
N LYS B 70 -15.80 -0.77 25.74
CA LYS B 70 -16.90 -1.63 26.20
C LYS B 70 -17.93 -1.84 25.08
N GLU B 71 -18.20 -0.78 24.31
CA GLU B 71 -19.19 -0.81 23.23
C GLU B 71 -18.71 -1.47 21.94
N MET B 72 -17.49 -1.97 21.94
CA MET B 72 -16.97 -2.73 20.80
C MET B 72 -17.10 -4.23 21.05
N GLY B 73 -17.41 -4.60 22.28
CA GLY B 73 -17.52 -5.99 22.68
C GLY B 73 -16.30 -6.46 23.47
N PHE B 74 -15.30 -5.61 23.57
CA PHE B 74 -14.08 -5.91 24.31
C PHE B 74 -14.30 -5.76 25.81
N THR B 75 -13.73 -6.69 26.58
CA THR B 75 -13.84 -6.67 28.04
C THR B 75 -12.48 -6.89 28.71
N ASN B 76 -11.67 -7.77 28.12
CA ASN B 76 -10.37 -8.15 28.69
C ASN B 76 -9.19 -7.76 27.82
N MET B 77 -8.10 -7.36 28.47
CA MET B 77 -6.87 -6.97 27.78
C MET B 77 -6.05 -8.18 27.37
N THR B 78 -5.38 -8.06 26.23
CA THR B 78 -4.42 -9.05 25.78
C THR B 78 -3.10 -8.81 26.51
N GLU B 79 -2.14 -9.72 26.34
CA GLU B 79 -0.84 -9.59 26.99
C GLU B 79 -0.17 -8.26 26.68
N ILE B 80 0.02 -7.99 25.38
CA ILE B 80 0.71 -6.79 24.90
C ILE B 80 0.05 -5.49 25.40
N GLN B 81 -1.27 -5.53 25.54
CA GLN B 81 -1.99 -4.42 26.16
C GLN B 81 -1.63 -4.32 27.64
N HIS B 82 -1.85 -5.41 28.38
CA HIS B 82 -1.58 -5.45 29.83
C HIS B 82 -0.12 -5.15 30.18
N LYS B 83 0.79 -5.54 29.31
CA LYS B 83 2.22 -5.29 29.53
C LYS B 83 2.59 -3.83 29.31
N SER B 84 1.89 -3.16 28.38
CA SER B 84 2.31 -1.82 27.93
C SER B 84 1.38 -0.65 28.29
N ILE B 85 0.07 -0.87 28.32
CA ILE B 85 -0.86 0.25 28.53
C ILE B 85 -0.55 1.08 29.78
N ARG B 86 -0.37 0.40 30.92
CA ARG B 86 0.05 1.06 32.16
C ARG B 86 1.32 1.91 31.96
N PRO B 87 2.45 1.25 31.62
CA PRO B 87 3.72 1.95 31.36
C PRO B 87 3.65 3.08 30.32
N LEU B 88 2.81 2.94 29.29
CA LEU B 88 2.70 3.94 28.24
C LEU B 88 1.97 5.20 28.72
N LEU B 89 1.03 5.01 29.65
CA LEU B 89 0.28 6.14 30.21
C LEU B 89 1.18 7.09 30.99
N GLU B 90 2.18 6.53 31.67
CA GLU B 90 3.20 7.31 32.36
C GLU B 90 4.06 8.11 31.37
N GLY B 91 4.23 7.58 30.16
CA GLY B 91 4.95 8.25 29.09
C GLY B 91 6.26 7.59 28.71
N ARG B 92 6.29 6.26 28.83
CA ARG B 92 7.48 5.47 28.46
C ARG B 92 7.51 5.19 26.96
N ASP B 93 8.70 4.92 26.45
CA ASP B 93 8.89 4.61 25.03
C ASP B 93 8.94 3.11 24.77
N LEU B 94 7.87 2.56 24.21
CA LEU B 94 7.79 1.11 23.96
C LEU B 94 8.61 0.67 22.74
N LEU B 95 9.34 -0.43 22.91
CA LEU B 95 9.91 -1.17 21.79
C LEU B 95 9.25 -2.55 21.84
N ALA B 96 8.13 -2.66 21.15
CA ALA B 96 7.33 -3.88 21.14
C ALA B 96 7.81 -4.85 20.05
N ALA B 97 7.77 -6.13 20.38
CA ALA B 97 8.08 -7.20 19.45
C ALA B 97 6.81 -7.98 19.17
N ALA B 98 5.77 -7.26 18.74
CA ALA B 98 4.44 -7.82 18.58
C ALA B 98 4.07 -8.05 17.12
N LYS B 99 3.33 -9.12 16.88
CA LYS B 99 2.86 -9.46 15.53
C LYS B 99 1.40 -9.06 15.36
N THR B 100 0.91 -9.13 14.12
CA THR B 100 -0.48 -8.77 13.80
C THR B 100 -1.45 -9.64 14.61
N GLY B 101 -2.43 -9.00 15.23
CA GLY B 101 -3.43 -9.72 16.01
C GLY B 101 -3.06 -9.84 17.47
N SER B 102 -2.03 -9.08 17.88
CA SER B 102 -1.61 -9.00 19.28
C SER B 102 -2.63 -8.26 20.13
N GLY B 103 -3.35 -7.32 19.51
CA GLY B 103 -4.17 -6.34 20.23
C GLY B 103 -3.35 -5.07 20.39
N LYS B 104 -2.29 -4.99 19.58
CA LYS B 104 -1.34 -3.88 19.59
C LYS B 104 -1.95 -2.55 19.19
N THR B 105 -2.91 -2.60 18.26
CA THR B 105 -3.61 -1.40 17.78
C THR B 105 -4.15 -0.60 18.97
N LEU B 106 -5.06 -1.21 19.74
CA LEU B 106 -5.62 -0.59 20.93
C LEU B 106 -4.55 -0.27 21.97
N ALA B 107 -3.56 -1.15 22.09
CA ALA B 107 -2.46 -0.99 23.05
C ALA B 107 -1.80 0.38 22.96
N PHE B 108 -1.59 0.87 21.74
CA PHE B 108 -1.03 2.22 21.57
C PHE B 108 -2.09 3.32 21.50
N LEU B 109 -3.26 2.99 20.94
CA LEU B 109 -4.34 3.97 20.74
C LEU B 109 -4.95 4.51 22.04
N ILE B 110 -5.19 3.62 23.00
CA ILE B 110 -5.74 4.02 24.30
C ILE B 110 -4.88 5.12 24.95
N PRO B 111 -3.56 4.88 25.15
CA PRO B 111 -2.69 5.93 25.70
C PRO B 111 -2.52 7.14 24.79
N ALA B 112 -2.68 6.95 23.48
CA ALA B 112 -2.53 8.03 22.50
C ALA B 112 -3.71 8.99 22.56
N VAL B 113 -4.93 8.42 22.56
CA VAL B 113 -6.14 9.21 22.73
C VAL B 113 -6.12 9.86 24.11
N GLU B 114 -5.53 9.17 25.07
CA GLU B 114 -5.42 9.65 26.44
C GLU B 114 -4.56 10.92 26.57
N LEU B 115 -3.53 11.04 25.73
CA LEU B 115 -2.70 12.24 25.72
C LEU B 115 -3.46 13.45 25.20
N ILE B 116 -4.21 13.26 24.11
CA ILE B 116 -5.02 14.32 23.50
C ILE B 116 -6.15 14.79 24.41
N VAL B 117 -6.67 13.87 25.22
CA VAL B 117 -7.74 14.17 26.17
C VAL B 117 -7.19 14.84 27.43
N LYS B 118 -6.06 14.32 27.94
CA LYS B 118 -5.43 14.84 29.15
C LYS B 118 -4.83 16.22 28.95
N LEU B 119 -4.34 16.48 27.74
CA LEU B 119 -3.77 17.78 27.41
C LEU B 119 -4.80 18.71 26.74
N ARG B 120 -6.05 18.24 26.65
CA ARG B 120 -7.19 18.99 26.11
C ARG B 120 -6.90 19.68 24.78
N PHE B 121 -6.56 18.88 23.78
CA PHE B 121 -6.21 19.38 22.45
C PHE B 121 -7.41 20.03 21.75
N MET B 122 -7.11 20.93 20.81
CA MET B 122 -8.12 21.58 19.97
C MET B 122 -7.60 21.67 18.53
N PRO B 123 -8.54 21.79 17.55
CA PRO B 123 -8.18 22.00 16.14
C PRO B 123 -7.12 23.09 15.92
N ARG B 124 -7.10 24.08 16.81
CA ARG B 124 -6.14 25.17 16.75
C ARG B 124 -4.73 24.75 17.14
N ASN B 125 -4.62 23.61 17.82
CA ASN B 125 -3.35 23.16 18.41
C ASN B 125 -2.44 22.42 17.44
N GLY B 126 -3.05 21.81 16.43
CA GLY B 126 -2.29 21.08 15.41
C GLY B 126 -2.42 19.58 15.57
N THR B 127 -1.30 18.88 15.42
CA THR B 127 -1.32 17.42 15.53
C THR B 127 -0.61 16.96 16.80
N GLY B 128 -1.32 16.18 17.61
CA GLY B 128 -0.77 15.61 18.82
C GLY B 128 -0.15 14.26 18.57
N VAL B 129 -0.99 13.30 18.14
CA VAL B 129 -0.54 11.94 17.89
C VAL B 129 -0.40 11.66 16.39
N LEU B 130 0.70 11.02 16.03
CA LEU B 130 0.97 10.64 14.65
C LEU B 130 1.26 9.14 14.55
N ILE B 131 0.49 8.45 13.71
CA ILE B 131 0.64 7.01 13.52
C ILE B 131 1.02 6.68 12.08
N LEU B 132 2.25 6.20 11.90
CA LEU B 132 2.76 5.75 10.60
C LEU B 132 2.43 4.28 10.35
N SER B 133 1.70 4.01 9.28
CA SER B 133 1.39 2.64 8.88
C SER B 133 1.99 2.31 7.52
N PRO B 134 2.49 1.07 7.33
CA PRO B 134 3.18 0.67 6.10
C PRO B 134 2.31 0.71 4.84
N THR B 135 1.05 0.27 4.96
CA THR B 135 0.16 0.10 3.83
C THR B 135 -1.17 0.80 4.06
N ARG B 136 -1.95 0.95 2.99
CA ARG B 136 -3.31 1.51 3.08
C ARG B 136 -4.21 0.57 3.87
N GLU B 137 -4.01 -0.74 3.64
CA GLU B 137 -4.81 -1.79 4.27
C GLU B 137 -4.78 -1.70 5.79
N LEU B 138 -3.60 -1.43 6.35
CA LEU B 138 -3.43 -1.31 7.80
C LEU B 138 -3.73 0.11 8.32
N ALA B 139 -3.27 1.13 7.60
CA ALA B 139 -3.65 2.51 7.90
C ALA B 139 -5.16 2.68 7.92
N MET B 140 -5.84 2.03 6.98
CA MET B 140 -7.29 2.06 6.89
C MET B 140 -7.93 1.33 8.08
N GLN B 141 -7.37 0.17 8.40
CA GLN B 141 -7.84 -0.68 9.51
C GLN B 141 -7.67 0.00 10.87
N THR B 142 -6.50 0.58 11.10
CA THR B 142 -6.17 1.27 12.35
C THR B 142 -7.04 2.53 12.53
N PHE B 143 -7.33 3.21 11.42
CA PHE B 143 -8.21 4.38 11.42
C PHE B 143 -9.64 4.03 11.83
N GLY B 144 -10.12 2.86 11.40
CA GLY B 144 -11.44 2.37 11.78
C GLY B 144 -11.60 2.07 13.26
N VAL B 145 -10.50 1.63 13.89
CA VAL B 145 -10.48 1.34 15.33
C VAL B 145 -10.49 2.65 16.13
N LEU B 146 -9.68 3.60 15.67
CA LEU B 146 -9.69 4.95 16.24
C LEU B 146 -11.08 5.58 16.12
N LYS B 147 -11.70 5.42 14.96
CA LYS B 147 -13.03 5.99 14.68
C LYS B 147 -14.08 5.63 15.71
N GLU B 148 -14.13 4.36 16.10
CA GLU B 148 -15.06 3.88 17.13
C GLU B 148 -14.63 4.35 18.52
N LEU B 149 -13.32 4.45 18.72
CA LEU B 149 -12.73 4.85 19.99
C LEU B 149 -12.95 6.33 20.28
N MET B 150 -13.27 7.10 19.24
CA MET B 150 -13.45 8.55 19.35
C MET B 150 -14.93 8.97 19.29
N THR B 151 -15.84 8.00 19.28
CA THR B 151 -17.29 8.28 19.20
C THR B 151 -17.82 9.15 20.34
N HIS B 152 -17.19 9.05 21.51
CA HIS B 152 -17.57 9.85 22.68
C HIS B 152 -16.54 10.96 22.96
N HIS B 153 -15.88 11.43 21.90
CA HIS B 153 -14.92 12.52 21.97
C HIS B 153 -15.21 13.57 20.90
N VAL B 154 -14.76 14.80 21.13
CA VAL B 154 -14.95 15.88 20.17
C VAL B 154 -13.74 16.16 19.29
N HIS B 155 -12.57 15.67 19.73
CA HIS B 155 -11.29 15.91 19.07
C HIS B 155 -11.24 15.45 17.62
N THR B 156 -10.31 16.01 16.84
CA THR B 156 -10.28 15.79 15.39
C THR B 156 -9.29 14.71 14.98
N TYR B 157 -9.65 13.96 13.93
CA TYR B 157 -8.84 12.84 13.42
C TYR B 157 -9.09 12.61 11.94
N GLY B 158 -8.05 12.23 11.21
CA GLY B 158 -8.12 12.07 9.76
C GLY B 158 -7.12 11.10 9.17
N LEU B 159 -7.56 10.40 8.12
CA LEU B 159 -6.74 9.39 7.45
C LEU B 159 -5.90 10.00 6.33
N ILE B 160 -4.63 9.64 6.29
CA ILE B 160 -3.67 10.17 5.33
C ILE B 160 -2.95 9.04 4.59
N MET B 161 -3.19 8.95 3.28
CA MET B 161 -2.66 7.86 2.46
C MET B 161 -2.28 8.33 1.06
N GLY B 162 -1.43 7.55 0.40
CA GLY B 162 -1.04 7.81 -0.99
C GLY B 162 -2.12 7.39 -1.97
N GLY B 163 -2.14 8.03 -3.14
CA GLY B 163 -3.10 7.72 -4.20
C GLY B 163 -4.48 8.34 -4.01
N SER B 164 -4.83 8.64 -2.76
CA SER B 164 -6.07 9.34 -2.46
C SER B 164 -5.98 10.78 -2.95
N ASN B 165 -7.11 11.48 -2.93
CA ASN B 165 -7.16 12.89 -3.32
C ASN B 165 -6.22 13.73 -2.42
N ARG B 166 -5.10 14.17 -2.98
CA ARG B 166 -4.09 14.90 -2.19
C ARG B 166 -4.58 16.28 -1.74
N SER B 167 -5.25 16.99 -2.65
CA SER B 167 -5.75 18.34 -2.35
C SER B 167 -6.85 18.33 -1.28
N ALA B 168 -7.64 17.24 -1.25
CA ALA B 168 -8.67 17.05 -0.23
C ALA B 168 -8.05 16.82 1.14
N GLU B 169 -6.87 16.19 1.16
CA GLU B 169 -6.12 15.97 2.40
C GLU B 169 -5.51 17.27 2.90
N ALA B 170 -4.85 17.99 1.99
CA ALA B 170 -4.20 19.27 2.31
C ALA B 170 -5.15 20.27 2.96
N GLN B 171 -6.40 20.29 2.49
CA GLN B 171 -7.45 21.11 3.07
C GLN B 171 -7.79 20.65 4.49
N LYS B 172 -7.99 19.35 4.67
CA LYS B 172 -8.36 18.76 5.97
C LYS B 172 -7.27 18.95 7.03
N LEU B 173 -6.01 18.89 6.60
CA LEU B 173 -4.86 19.12 7.48
C LEU B 173 -4.80 20.56 7.98
N GLY B 174 -5.10 21.52 7.10
CA GLY B 174 -5.12 22.94 7.44
C GLY B 174 -6.08 23.28 8.58
N ASN B 175 -7.16 22.50 8.71
CA ASN B 175 -8.13 22.67 9.78
C ASN B 175 -7.56 22.30 11.15
N GLY B 176 -6.49 21.50 11.15
CA GLY B 176 -5.84 21.05 12.38
C GLY B 176 -6.34 19.69 12.83
N ILE B 177 -5.66 18.63 12.41
CA ILE B 177 -6.04 17.25 12.76
C ILE B 177 -5.17 16.69 13.89
N ASN B 178 -5.77 16.55 15.07
CA ASN B 178 -5.07 16.18 16.31
C ASN B 178 -4.41 14.80 16.30
N ILE B 179 -5.18 13.79 15.89
CA ILE B 179 -4.63 12.45 15.71
C ILE B 179 -4.67 12.06 14.24
N ILE B 180 -3.49 11.80 13.68
CA ILE B 180 -3.36 11.45 12.27
C ILE B 180 -2.95 9.99 12.10
N VAL B 181 -3.69 9.27 11.26
CA VAL B 181 -3.27 7.94 10.81
C VAL B 181 -2.78 8.07 9.38
N ALA B 182 -1.48 7.92 9.19
CA ALA B 182 -0.86 8.21 7.91
C ALA B 182 0.10 7.14 7.44
N THR B 183 0.52 7.29 6.18
CA THR B 183 1.55 6.45 5.60
C THR B 183 2.79 7.33 5.38
N PRO B 184 4.00 6.69 5.34
CA PRO B 184 5.27 7.45 5.35
C PRO B 184 5.43 8.48 4.23
N GLY B 185 5.38 8.03 2.98
CA GLY B 185 5.70 8.87 1.81
C GLY B 185 4.76 10.06 1.60
N ARG B 186 3.46 9.79 1.74
CA ARG B 186 2.44 10.84 1.64
C ARG B 186 2.50 11.82 2.81
N LEU B 187 2.80 11.33 4.00
CA LEU B 187 2.96 12.20 5.17
C LEU B 187 4.17 13.11 5.02
N LEU B 188 5.28 12.54 4.55
CA LEU B 188 6.50 13.32 4.30
C LEU B 188 6.25 14.36 3.21
N ASP B 189 5.40 14.00 2.25
CA ASP B 189 4.98 14.90 1.19
C ASP B 189 4.21 16.10 1.75
N HIS B 190 3.25 15.83 2.63
CA HIS B 190 2.50 16.90 3.30
C HIS B 190 3.41 17.75 4.19
N MET B 191 4.25 17.10 4.98
CA MET B 191 5.16 17.80 5.90
C MET B 191 6.12 18.78 5.21
N GLN B 192 6.56 18.41 4.02
CA GLN B 192 7.50 19.25 3.27
C GLN B 192 6.81 20.31 2.43
N ASN B 193 5.57 20.04 1.99
CA ASN B 193 4.94 20.86 0.96
C ASN B 193 3.56 21.45 1.31
N THR B 194 2.82 20.81 2.21
CA THR B 194 1.57 21.35 2.72
C THR B 194 1.89 22.21 3.95
N PRO B 195 1.86 23.56 3.78
CA PRO B 195 2.34 24.47 4.80
C PRO B 195 1.34 24.73 5.94
N GLY B 196 0.06 24.46 5.69
CA GLY B 196 -0.97 24.60 6.72
C GLY B 196 -0.92 23.49 7.76
N PHE B 197 0.03 22.57 7.58
CA PHE B 197 0.20 21.42 8.45
C PHE B 197 1.22 21.71 9.54
N MET B 198 0.73 21.91 10.77
CA MET B 198 1.59 22.05 11.93
C MET B 198 1.66 20.74 12.72
N TYR B 199 2.86 20.38 13.16
CA TYR B 199 3.12 19.17 13.92
C TYR B 199 4.12 19.45 15.04
N LYS B 200 4.38 20.74 15.28
CA LYS B 200 5.29 21.19 16.33
C LYS B 200 4.77 20.82 17.73
N ASN B 201 3.46 20.63 17.83
CA ASN B 201 2.83 20.24 19.10
C ASN B 201 2.80 18.73 19.35
N LEU B 202 3.41 17.96 18.45
CA LEU B 202 3.42 16.50 18.52
C LEU B 202 3.84 15.98 19.89
N GLN B 203 2.97 15.15 20.47
CA GLN B 203 3.22 14.53 21.76
C GLN B 203 3.66 13.08 21.62
N CYS B 204 3.12 12.41 20.61
CA CYS B 204 3.31 10.98 20.45
C CYS B 204 3.63 10.60 19.01
N LEU B 205 4.48 9.59 18.83
CA LEU B 205 4.78 9.01 17.53
C LEU B 205 4.71 7.49 17.60
N VAL B 206 3.82 6.90 16.81
CA VAL B 206 3.67 5.46 16.73
C VAL B 206 4.19 4.93 15.41
N ILE B 207 5.17 4.04 15.47
CA ILE B 207 5.68 3.33 14.30
C ILE B 207 5.16 1.89 14.34
N ASP B 208 4.12 1.62 13.55
CA ASP B 208 3.54 0.27 13.48
C ASP B 208 4.12 -0.51 12.30
N GLU B 209 4.37 -1.80 12.53
CA GLU B 209 4.95 -2.72 11.52
C GLU B 209 6.21 -2.13 10.88
N ALA B 210 7.20 -1.81 11.71
CA ALA B 210 8.42 -1.13 11.26
C ALA B 210 9.21 -1.91 10.22
N ASP B 211 9.10 -3.24 10.28
CA ASP B 211 9.72 -4.12 9.29
C ASP B 211 9.01 -4.02 7.94
N ARG B 212 7.68 -4.00 7.98
CA ARG B 212 6.84 -3.82 6.78
C ARG B 212 7.08 -2.48 6.07
N ILE B 213 7.34 -1.43 6.84
CA ILE B 213 7.66 -0.11 6.28
C ILE B 213 8.99 -0.13 5.51
N LEU B 214 9.98 -0.82 6.07
CA LEU B 214 11.29 -0.94 5.41
C LEU B 214 11.20 -1.79 4.15
N ASP B 215 10.42 -2.87 4.22
CA ASP B 215 10.20 -3.77 3.09
C ASP B 215 9.37 -3.14 1.99
N VAL B 216 8.39 -2.33 2.38
CA VAL B 216 7.55 -1.61 1.42
C VAL B 216 8.31 -0.41 0.80
N GLY B 217 9.54 -0.21 1.27
CA GLY B 217 10.50 0.71 0.66
C GLY B 217 10.52 2.13 1.23
N PHE B 218 10.36 2.25 2.55
CA PHE B 218 10.31 3.58 3.18
C PHE B 218 11.35 3.83 4.27
N GLU B 219 12.57 3.37 4.05
CA GLU B 219 13.67 3.60 5.01
C GLU B 219 14.03 5.09 5.09
N GLU B 220 14.33 5.68 3.94
CA GLU B 220 14.72 7.09 3.85
C GLU B 220 13.59 8.06 4.22
N GLU B 221 12.35 7.66 3.93
CA GLU B 221 11.18 8.45 4.29
C GLU B 221 11.02 8.53 5.81
N LEU B 222 11.08 7.39 6.48
CA LEU B 222 11.09 7.32 7.94
C LEU B 222 12.12 8.24 8.58
N LYS B 223 13.36 8.19 8.09
CA LYS B 223 14.47 8.96 8.65
C LYS B 223 14.21 10.46 8.56
N GLN B 224 13.66 10.90 7.44
CA GLN B 224 13.38 12.32 7.21
C GLN B 224 12.23 12.85 8.06
N ILE B 225 11.20 12.02 8.29
CA ILE B 225 10.07 12.44 9.13
C ILE B 225 10.52 12.63 10.58
N ILE B 226 11.19 11.62 11.14
CA ILE B 226 11.74 11.66 12.49
C ILE B 226 12.64 12.89 12.65
N LYS B 227 13.49 13.11 11.65
CA LYS B 227 14.40 14.25 11.60
C LYS B 227 13.64 15.57 11.76
N LEU B 228 12.49 15.69 11.09
CA LEU B 228 11.70 16.92 11.09
C LEU B 228 10.71 17.03 12.27
N LEU B 229 10.58 15.95 13.05
CA LEU B 229 9.68 15.93 14.22
C LEU B 229 10.38 16.39 15.51
N PRO B 230 9.61 17.00 16.43
CA PRO B 230 10.16 17.42 17.74
C PRO B 230 10.71 16.23 18.53
N THR B 231 11.82 16.44 19.24
CA THR B 231 12.41 15.38 20.07
C THR B 231 11.73 15.26 21.43
N ARG B 232 11.04 16.33 21.85
CA ARG B 232 10.25 16.31 23.08
C ARG B 232 8.93 15.58 22.84
N ARG B 233 8.96 14.25 22.95
CA ARG B 233 7.81 13.40 22.61
C ARG B 233 7.96 11.96 23.07
N GLN B 234 6.82 11.25 23.03
CA GLN B 234 6.74 9.82 23.31
C GLN B 234 6.78 9.04 21.99
N THR B 235 7.59 7.99 21.94
CA THR B 235 7.74 7.20 20.72
C THR B 235 7.67 5.70 21.01
N MET B 236 6.71 5.03 20.39
CA MET B 236 6.60 3.58 20.51
C MET B 236 6.72 2.89 19.16
N LEU B 237 7.51 1.81 19.12
CA LEU B 237 7.77 1.07 17.89
C LEU B 237 7.25 -0.35 17.96
N PHE B 238 6.60 -0.79 16.90
CA PHE B 238 6.03 -2.14 16.82
C PHE B 238 6.48 -2.83 15.52
N SER B 239 7.16 -3.96 15.66
CA SER B 239 7.46 -4.83 14.52
C SER B 239 7.51 -6.29 14.95
N ALA B 240 7.00 -7.17 14.10
CA ALA B 240 6.98 -8.61 14.39
C ALA B 240 8.36 -9.24 14.30
N THR B 241 9.19 -8.71 13.40
CA THR B 241 10.56 -9.17 13.25
C THR B 241 11.53 -8.07 13.67
N GLN B 242 12.67 -8.47 14.22
CA GLN B 242 13.60 -7.53 14.83
C GLN B 242 14.95 -7.51 14.09
N THR B 243 14.91 -7.12 12.82
CA THR B 243 16.09 -7.08 11.95
C THR B 243 17.03 -5.93 12.32
N ARG B 244 18.19 -5.86 11.66
CA ARG B 244 19.21 -4.87 11.97
C ARG B 244 18.77 -3.45 11.67
N LYS B 245 18.06 -3.28 10.55
CA LYS B 245 17.52 -1.97 10.15
C LYS B 245 16.47 -1.47 11.15
N VAL B 246 15.71 -2.39 11.73
CA VAL B 246 14.74 -2.07 12.78
C VAL B 246 15.47 -1.55 14.01
N GLU B 247 16.51 -2.26 14.43
CA GLU B 247 17.35 -1.86 15.56
C GLU B 247 18.02 -0.51 15.31
N ASP B 248 18.41 -0.28 14.05
CA ASP B 248 19.01 0.99 13.63
C ASP B 248 18.02 2.15 13.68
N LEU B 249 16.75 1.85 13.39
CA LEU B 249 15.69 2.85 13.38
C LEU B 249 15.25 3.20 14.79
N ALA B 250 15.12 2.18 15.65
CA ALA B 250 14.78 2.37 17.05
C ALA B 250 15.83 3.24 17.75
N ARG B 251 17.10 2.99 17.44
CA ARG B 251 18.21 3.79 17.97
C ARG B 251 18.09 5.28 17.63
N ILE B 252 17.48 5.57 16.47
CA ILE B 252 17.20 6.95 16.07
C ILE B 252 15.97 7.50 16.80
N SER B 253 14.84 6.80 16.66
CA SER B 253 13.53 7.31 17.09
C SER B 253 13.21 7.19 18.57
N LEU B 254 13.89 6.27 19.27
CA LEU B 254 13.66 6.04 20.70
C LEU B 254 14.84 6.55 21.54
N LYS B 255 14.70 6.47 22.87
CA LYS B 255 15.73 6.97 23.80
C LYS B 255 16.25 5.93 24.81
N LYS B 256 15.49 5.65 25.87
CA LYS B 256 15.84 4.61 26.86
C LYS B 256 14.64 3.70 27.12
N GLU B 257 14.30 2.93 26.10
CA GLU B 257 13.02 2.22 26.00
C GLU B 257 12.77 1.11 27.00
N PRO B 258 11.50 0.91 27.39
CA PRO B 258 11.05 -0.41 27.86
C PRO B 258 10.86 -1.35 26.68
N LEU B 259 11.07 -2.63 26.91
CA LEU B 259 10.95 -3.63 25.85
C LEU B 259 9.85 -4.64 26.19
N TYR B 260 9.12 -5.07 25.17
CA TYR B 260 8.08 -6.10 25.32
C TYR B 260 8.18 -7.11 24.19
N VAL B 261 8.42 -8.37 24.53
CA VAL B 261 8.66 -9.43 23.55
C VAL B 261 7.59 -10.51 23.64
P PO4 C . 2.59 -15.65 -8.67
O1 PO4 C . 4.09 -15.42 -8.56
O2 PO4 C . 2.09 -15.36 -10.06
O3 PO4 C . 2.35 -17.11 -8.38
O4 PO4 C . 1.86 -14.77 -7.67
MG MG D . -9.90 6.67 -2.49
MG MG E . -5.81 -13.05 -7.69
S SCN F . -0.90 3.28 -2.87
C SCN F . -1.49 3.86 -4.45
N SCN F . -1.90 4.16 -5.52
S SCN G . 1.60 3.90 0.13
C SCN G . 2.28 5.46 0.72
N SCN G . 2.71 6.46 1.17
#